data_7O6G
#
_entry.id   7O6G
#
_cell.length_a   82.688
_cell.length_b   112.450
_cell.length_c   62.688
_cell.angle_alpha   90.000
_cell.angle_beta   90.000
_cell.angle_gamma   90.000
#
_symmetry.space_group_name_H-M   'C 2 2 21'
#
loop_
_entity.id
_entity.type
_entity.pdbx_description
1 polymer '14-3-3 protein sigma'
2 polymer 'Transcription factor p65'
3 non-polymer 'CHLORIDE ION'
4 non-polymer 4-[(3~{R})-3-oxidanylpiperidin-1-yl]carbonylbenzaldehyde
5 non-polymer 'CALCIUM ION'
6 non-polymer DI(HYDROXYETHYL)ETHER
7 non-polymer GLYCEROL
8 water water
#
loop_
_entity_poly.entity_id
_entity_poly.type
_entity_poly.pdbx_seq_one_letter_code
_entity_poly.pdbx_strand_id
1 'polypeptide(L)'
;GAMGSMERASLIQKAKLAEQAERYEDMAAFMKGAVEKGEELS(CSO)EERNLLSVAYKNVVGGQRAAWRVLSSIEQKSNE
EGSEEKGPEVREYREKVETELQGVCDTVLGLLDSHLIKEAGDAESRVFYLKMKGDYYRYLAEVATGDDKKRIIDSARSAY
QEAMDISKKEMPPTNPIRLGLALNFSVFHYEIANSPEEAISLAKTTFDEAMADLHTLSEDSYKDSTLIMQLLRDNLTLWT
;
A
2 'polypeptide(L)' EGRSAG(SEP)IPGRRS P
#
# COMPACT_ATOMS: atom_id res chain seq x y z
N ALA A 2 17.53 15.25 -5.18
CA ALA A 2 18.22 14.84 -6.41
C ALA A 2 17.55 15.48 -7.63
N MET A 3 16.22 15.64 -7.53
CA MET A 3 15.42 16.16 -8.63
C MET A 3 15.12 17.62 -8.45
N GLY A 4 15.87 18.28 -7.58
CA GLY A 4 15.58 19.67 -7.25
C GLY A 4 15.61 20.61 -8.44
N SER A 5 16.46 20.34 -9.43
N SER A 5 16.47 20.34 -9.43
CA SER A 5 16.56 21.27 -10.56
CA SER A 5 16.58 21.25 -10.57
C SER A 5 15.55 21.01 -11.67
C SER A 5 15.54 21.01 -11.66
N MET A 6 14.72 19.96 -11.58
CA MET A 6 13.77 19.67 -12.65
C MET A 6 12.38 20.25 -12.30
N GLU A 7 11.70 20.79 -13.30
CA GLU A 7 10.35 21.33 -13.10
C GLU A 7 9.40 20.24 -12.58
N ARG A 8 8.47 20.64 -11.71
CA ARG A 8 7.45 19.70 -11.26
C ARG A 8 6.73 19.04 -12.41
N ALA A 9 6.29 19.82 -13.40
CA ALA A 9 5.50 19.17 -14.46
C ALA A 9 6.35 18.18 -15.27
N SER A 10 7.63 18.48 -15.47
CA SER A 10 8.53 17.53 -16.15
C SER A 10 8.71 16.23 -15.34
N LEU A 11 8.86 16.36 -14.02
CA LEU A 11 8.91 15.16 -13.16
C LEU A 11 7.65 14.30 -13.34
N ILE A 12 6.48 14.93 -13.37
CA ILE A 12 5.25 14.17 -13.53
C ILE A 12 5.20 13.53 -14.91
N GLN A 13 5.56 14.29 -15.95
CA GLN A 13 5.59 13.72 -17.30
C GLN A 13 6.55 12.53 -17.39
N LYS A 14 7.74 12.67 -16.80
CA LYS A 14 8.71 11.57 -16.84
C LYS A 14 8.28 10.40 -15.96
N ALA A 15 7.56 10.63 -14.85
CA ALA A 15 7.00 9.48 -14.13
C ALA A 15 6.04 8.69 -15.01
N LYS A 16 5.22 9.37 -15.82
CA LYS A 16 4.31 8.64 -16.70
C LYS A 16 5.08 7.86 -17.76
N LEU A 17 6.13 8.47 -18.30
CA LEU A 17 6.98 7.76 -19.27
C LEU A 17 7.64 6.53 -18.65
N ALA A 18 8.18 6.69 -17.45
CA ALA A 18 8.83 5.57 -16.78
C ALA A 18 7.83 4.45 -16.53
N GLU A 19 6.57 4.79 -16.18
CA GLU A 19 5.58 3.74 -16.02
C GLU A 19 5.39 2.99 -17.35
N GLN A 20 5.34 3.72 -18.46
CA GLN A 20 5.16 3.04 -19.75
C GLN A 20 6.34 2.15 -20.08
N ALA A 21 7.55 2.55 -19.65
CA ALA A 21 8.78 1.84 -19.91
C ALA A 21 9.05 0.76 -18.86
N GLU A 22 8.14 0.61 -17.90
CA GLU A 22 8.27 -0.31 -16.76
C GLU A 22 9.59 -0.07 -16.02
N ARG A 23 9.94 1.20 -15.85
CA ARG A 23 11.12 1.63 -15.11
C ARG A 23 10.65 2.21 -13.78
N TYR A 24 10.28 1.30 -12.87
CA TYR A 24 9.59 1.74 -11.66
C TYR A 24 10.50 2.44 -10.66
N GLU A 25 11.78 2.04 -10.59
N GLU A 25 11.78 2.07 -10.60
CA GLU A 25 12.71 2.78 -9.73
CA GLU A 25 12.70 2.78 -9.73
C GLU A 25 12.82 4.23 -10.17
C GLU A 25 12.80 4.24 -10.17
N ASP A 26 12.93 4.47 -11.48
CA ASP A 26 12.94 5.84 -11.98
C ASP A 26 11.62 6.54 -11.67
N MET A 27 10.52 5.83 -11.90
CA MET A 27 9.19 6.40 -11.64
C MET A 27 9.12 6.92 -10.20
N ALA A 28 9.61 6.11 -9.25
CA ALA A 28 9.52 6.47 -7.85
C ALA A 28 10.40 7.67 -7.55
N ALA A 29 11.59 7.70 -8.14
CA ALA A 29 12.46 8.86 -7.92
C ALA A 29 11.84 10.14 -8.50
N PHE A 30 11.23 10.05 -9.68
CA PHE A 30 10.56 11.23 -10.24
C PHE A 30 9.41 11.68 -9.34
N MET A 31 8.56 10.75 -8.89
CA MET A 31 7.47 11.14 -7.99
C MET A 31 7.96 11.61 -6.62
N LYS A 32 9.05 11.04 -6.09
CA LYS A 32 9.63 11.61 -4.87
C LYS A 32 10.02 13.06 -5.10
N GLY A 33 10.72 13.33 -6.22
CA GLY A 33 11.05 14.73 -6.56
C GLY A 33 9.81 15.62 -6.66
N ALA A 34 8.72 15.12 -7.26
CA ALA A 34 7.49 15.92 -7.38
C ALA A 34 6.88 16.25 -6.00
N VAL A 35 6.82 15.25 -5.12
CA VAL A 35 6.34 15.51 -3.76
C VAL A 35 7.19 16.57 -3.10
N GLU A 36 8.53 16.46 -3.20
CA GLU A 36 9.42 17.39 -2.55
C GLU A 36 9.34 18.81 -3.10
N LYS A 37 8.60 19.04 -4.18
CA LYS A 37 8.32 20.41 -4.58
C LYS A 37 7.42 21.12 -3.58
N GLY A 38 6.73 20.40 -2.75
CA GLY A 38 5.99 21.01 -1.65
C GLY A 38 4.53 21.24 -1.91
N GLU A 39 4.06 21.14 -3.15
CA GLU A 39 2.64 21.32 -3.49
C GLU A 39 1.85 20.03 -3.22
N GLU A 40 0.55 20.18 -2.94
CA GLU A 40 -0.29 18.99 -2.80
C GLU A 40 -0.32 18.25 -4.13
N LEU A 41 -0.74 16.98 -4.08
CA LEU A 41 -0.80 16.14 -5.26
C LEU A 41 -2.26 15.98 -5.69
N SER A 42 -2.49 16.01 -6.99
CA SER A 42 -3.82 15.70 -7.52
C SER A 42 -4.15 14.20 -7.42
N GLU A 44 -4.68 11.99 -9.81
CA GLU A 44 -3.80 11.24 -10.73
C GLU A 44 -2.37 11.15 -10.22
N GLU A 45 -1.87 12.26 -9.69
CA GLU A 45 -0.49 12.27 -9.16
C GLU A 45 -0.33 11.35 -7.95
N ARG A 46 -1.33 11.32 -7.06
CA ARG A 46 -1.28 10.38 -5.95
C ARG A 46 -1.19 8.97 -6.45
N ASN A 47 -1.97 8.63 -7.48
CA ASN A 47 -1.90 7.28 -8.04
C ASN A 47 -0.51 7.00 -8.61
N LEU A 48 0.10 7.99 -9.29
CA LEU A 48 1.45 7.74 -9.83
C LEU A 48 2.43 7.44 -8.70
N LEU A 49 2.35 8.21 -7.62
CA LEU A 49 3.23 8.00 -6.46
C LEU A 49 3.05 6.60 -5.91
N SER A 50 1.79 6.21 -5.73
CA SER A 50 1.47 4.90 -5.16
C SER A 50 1.89 3.76 -6.09
N VAL A 51 1.62 3.87 -7.39
CA VAL A 51 1.98 2.79 -8.32
C VAL A 51 3.49 2.60 -8.34
N ALA A 52 4.23 3.70 -8.37
CA ALA A 52 5.68 3.62 -8.44
C ALA A 52 6.24 2.84 -7.24
N TYR A 53 5.91 3.28 -6.03
CA TYR A 53 6.54 2.64 -4.88
C TYR A 53 5.98 1.24 -4.66
N LYS A 54 4.74 0.99 -5.10
CA LYS A 54 4.22 -0.35 -4.87
C LYS A 54 4.96 -1.33 -5.73
N ASN A 55 5.33 -0.92 -6.94
CA ASN A 55 6.09 -1.81 -7.80
C ASN A 55 7.48 -2.03 -7.24
N VAL A 56 8.13 -0.97 -6.74
CA VAL A 56 9.50 -1.10 -6.25
C VAL A 56 9.53 -2.03 -5.05
N VAL A 57 8.68 -1.74 -4.06
N VAL A 57 8.71 -1.73 -4.03
CA VAL A 57 8.69 -2.56 -2.86
CA VAL A 57 8.69 -2.58 -2.85
C VAL A 57 8.11 -3.94 -3.14
C VAL A 57 8.17 -3.97 -3.20
N GLY A 58 7.24 -4.05 -4.16
CA GLY A 58 6.72 -5.36 -4.52
C GLY A 58 7.82 -6.29 -5.00
N GLY A 59 8.73 -5.77 -5.82
CA GLY A 59 9.89 -6.55 -6.24
C GLY A 59 10.81 -6.91 -5.08
N GLN A 60 10.99 -5.97 -4.13
CA GLN A 60 11.84 -6.27 -2.97
C GLN A 60 11.19 -7.32 -2.10
N ARG A 61 9.88 -7.21 -1.87
CA ARG A 61 9.21 -8.23 -1.04
C ARG A 61 9.30 -9.61 -1.68
N ALA A 62 9.09 -9.70 -2.98
CA ALA A 62 9.19 -10.99 -3.65
C ALA A 62 10.59 -11.56 -3.49
N ALA A 63 11.62 -10.73 -3.68
CA ALA A 63 13.01 -11.23 -3.48
C ALA A 63 13.26 -11.65 -2.04
N TRP A 64 12.81 -10.84 -1.09
CA TRP A 64 12.99 -11.20 0.31
C TRP A 64 12.34 -12.54 0.64
N ARG A 65 11.15 -12.79 0.10
CA ARG A 65 10.50 -14.07 0.39
C ARG A 65 11.28 -15.24 -0.19
N VAL A 66 11.79 -15.10 -1.42
CA VAL A 66 12.63 -16.16 -1.99
C VAL A 66 13.80 -16.44 -1.08
N LEU A 67 14.50 -15.38 -0.66
CA LEU A 67 15.73 -15.56 0.13
C LEU A 67 15.41 -16.06 1.54
N SER A 68 14.31 -15.57 2.15
N SER A 68 14.31 -15.59 2.15
CA SER A 68 13.92 -16.08 3.47
CA SER A 68 13.95 -16.10 3.48
C SER A 68 13.62 -17.57 3.43
C SER A 68 13.64 -17.59 3.43
N SER A 69 12.99 -18.03 2.35
CA SER A 69 12.66 -19.43 2.21
C SER A 69 13.92 -20.26 2.11
N ILE A 70 14.87 -19.82 1.27
CA ILE A 70 16.15 -20.54 1.18
C ILE A 70 16.83 -20.55 2.54
N GLU A 71 16.83 -19.42 3.24
CA GLU A 71 17.51 -19.31 4.52
C GLU A 71 16.92 -20.30 5.52
N GLN A 72 15.59 -20.41 5.53
CA GLN A 72 14.92 -21.32 6.46
C GLN A 72 15.24 -22.76 6.11
N LYS A 73 15.30 -23.10 4.82
CA LYS A 73 15.68 -24.46 4.45
C LYS A 73 17.07 -24.80 4.96
N SER A 74 18.01 -23.86 4.88
CA SER A 74 19.37 -24.11 5.32
C SER A 74 19.49 -24.25 6.84
N ASN A 75 18.53 -23.74 7.60
CA ASN A 75 18.49 -23.90 9.06
C ASN A 75 17.51 -25.00 9.46
N GLU A 76 17.88 -26.24 9.11
CA GLU A 76 17.02 -27.38 9.40
C GLU A 76 17.85 -28.56 9.91
N GLY A 83 27.20 -21.48 4.81
CA GLY A 83 27.92 -20.30 5.27
C GLY A 83 26.99 -19.14 5.56
N PRO A 84 27.56 -17.94 5.80
CA PRO A 84 26.72 -16.78 6.12
C PRO A 84 26.08 -16.12 4.91
N GLU A 85 26.31 -16.63 3.70
CA GLU A 85 25.97 -15.87 2.51
C GLU A 85 24.46 -15.66 2.37
N VAL A 86 23.65 -16.71 2.59
CA VAL A 86 22.22 -16.53 2.34
C VAL A 86 21.64 -15.53 3.34
N ARG A 87 22.00 -15.68 4.63
CA ARG A 87 21.59 -14.70 5.62
C ARG A 87 22.08 -13.32 5.27
N GLU A 88 23.35 -13.19 4.86
CA GLU A 88 23.89 -11.87 4.58
C GLU A 88 23.11 -11.21 3.45
N TYR A 89 22.81 -12.00 2.39
CA TYR A 89 22.15 -11.42 1.23
C TYR A 89 20.68 -11.12 1.53
N ARG A 90 20.01 -11.99 2.31
CA ARG A 90 18.65 -11.66 2.75
C ARG A 90 18.65 -10.36 3.56
N GLU A 91 19.63 -10.19 4.44
CA GLU A 91 19.77 -8.96 5.21
C GLU A 91 19.96 -7.75 4.29
N LYS A 92 20.75 -7.89 3.24
CA LYS A 92 20.98 -6.76 2.34
C LYS A 92 19.67 -6.36 1.68
N VAL A 93 18.95 -7.34 1.14
CA VAL A 93 17.65 -7.05 0.51
C VAL A 93 16.69 -6.47 1.54
N GLU A 94 16.66 -7.05 2.75
CA GLU A 94 15.78 -6.53 3.81
C GLU A 94 16.09 -5.07 4.14
N THR A 95 17.37 -4.74 4.25
CA THR A 95 17.74 -3.35 4.54
C THR A 95 17.30 -2.41 3.43
N GLU A 96 17.40 -2.85 2.17
N GLU A 96 17.41 -2.86 2.18
CA GLU A 96 17.03 -1.98 1.08
CA GLU A 96 17.04 -2.01 1.06
C GLU A 96 15.52 -1.77 1.06
C GLU A 96 15.54 -1.79 1.04
N LEU A 97 14.79 -2.84 1.32
CA LEU A 97 13.33 -2.74 1.44
C LEU A 97 12.93 -1.77 2.56
N GLN A 98 13.54 -1.93 3.75
CA GLN A 98 13.21 -1.03 4.84
C GLN A 98 13.53 0.40 4.46
N GLY A 99 14.58 0.61 3.68
CA GLY A 99 14.90 1.98 3.33
C GLY A 99 13.86 2.59 2.42
N VAL A 100 13.34 1.82 1.47
CA VAL A 100 12.25 2.29 0.60
C VAL A 100 10.99 2.57 1.42
N CYS A 101 10.63 1.67 2.35
CA CYS A 101 9.45 1.93 3.17
C CYS A 101 9.64 3.19 3.98
N ASP A 102 10.84 3.38 4.57
CA ASP A 102 11.09 4.59 5.35
C ASP A 102 11.00 5.83 4.48
N THR A 103 11.44 5.73 3.22
CA THR A 103 11.37 6.90 2.34
C THR A 103 9.94 7.30 2.07
N VAL A 104 9.08 6.30 1.78
CA VAL A 104 7.67 6.60 1.53
C VAL A 104 7.01 7.18 2.79
N LEU A 105 7.25 6.53 3.93
CA LEU A 105 6.67 7.04 5.17
C LEU A 105 7.14 8.46 5.46
N GLY A 106 8.40 8.75 5.10
CA GLY A 106 8.90 10.10 5.28
C GLY A 106 8.18 11.11 4.41
N LEU A 107 7.85 10.72 3.17
CA LEU A 107 7.10 11.62 2.29
C LEU A 107 5.72 11.87 2.86
N LEU A 108 5.09 10.80 3.40
CA LEU A 108 3.74 10.98 3.95
C LEU A 108 3.77 11.90 5.16
N ASP A 109 4.80 11.77 5.99
CA ASP A 109 4.97 12.58 7.19
C ASP A 109 5.48 13.99 6.92
N SER A 110 6.11 14.23 5.76
CA SER A 110 6.72 15.52 5.44
C SER A 110 6.46 15.88 3.96
N HIS A 111 5.25 16.37 3.64
CA HIS A 111 4.22 16.77 4.58
C HIS A 111 2.85 16.42 3.98
N LEU A 112 2.77 15.27 3.29
CA LEU A 112 1.56 14.96 2.52
C LEU A 112 0.34 14.84 3.44
N ILE A 113 0.46 14.11 4.53
CA ILE A 113 -0.72 13.81 5.34
C ILE A 113 -1.23 15.08 6.02
N LYS A 114 -0.31 15.87 6.56
CA LYS A 114 -0.79 17.01 7.31
C LYS A 114 -1.45 18.05 6.41
N GLU A 115 -1.07 18.10 5.14
CA GLU A 115 -1.75 19.04 4.25
C GLU A 115 -2.98 18.46 3.58
N ALA A 116 -3.31 17.20 3.81
CA ALA A 116 -4.43 16.54 3.11
C ALA A 116 -5.71 16.77 3.90
N GLY A 117 -6.58 17.61 3.38
CA GLY A 117 -7.85 17.93 4.05
C GLY A 117 -9.08 17.22 3.50
N ASP A 118 -9.10 16.95 2.21
CA ASP A 118 -10.23 16.25 1.66
C ASP A 118 -10.19 14.79 2.02
N ALA A 119 -11.38 14.20 2.18
CA ALA A 119 -11.45 12.77 2.49
C ALA A 119 -10.70 11.89 1.48
N GLU A 120 -10.85 12.15 0.17
CA GLU A 120 -10.21 11.27 -0.81
C GLU A 120 -8.68 11.33 -0.69
N SER A 121 -8.11 12.50 -0.42
N SER A 121 -8.14 12.52 -0.39
CA SER A 121 -6.64 12.51 -0.27
CA SER A 121 -6.70 12.65 -0.25
C SER A 121 -6.22 11.96 1.10
C SER A 121 -6.23 12.02 1.06
N ARG A 122 -6.91 12.36 2.16
CA ARG A 122 -6.46 11.93 3.48
C ARG A 122 -6.54 10.42 3.65
N VAL A 123 -7.66 9.80 3.20
CA VAL A 123 -7.79 8.34 3.29
C VAL A 123 -6.75 7.66 2.43
N PHE A 124 -6.49 8.21 1.23
CA PHE A 124 -5.47 7.62 0.35
C PHE A 124 -4.12 7.56 1.02
N TYR A 125 -3.68 8.69 1.62
CA TYR A 125 -2.35 8.71 2.21
C TYR A 125 -2.31 7.85 3.45
N LEU A 126 -3.41 7.81 4.23
CA LEU A 126 -3.33 7.01 5.45
C LEU A 126 -3.32 5.52 5.13
N LYS A 127 -4.07 5.10 4.10
CA LYS A 127 -3.96 3.74 3.61
C LYS A 127 -2.52 3.42 3.21
N MET A 128 -1.86 4.32 2.43
CA MET A 128 -0.43 4.17 2.14
C MET A 128 0.39 3.97 3.41
N LYS A 129 0.17 4.83 4.41
CA LYS A 129 0.92 4.71 5.66
C LYS A 129 0.72 3.32 6.28
N GLY A 130 -0.53 2.84 6.34
CA GLY A 130 -0.77 1.50 6.84
C GLY A 130 -0.05 0.43 6.02
N ASP A 131 -0.10 0.56 4.69
CA ASP A 131 0.55 -0.43 3.82
C ASP A 131 2.07 -0.48 4.06
N TYR A 132 2.74 0.70 4.13
CA TYR A 132 4.22 0.63 4.23
C TYR A 132 4.68 0.21 5.63
N TYR A 133 3.91 0.51 6.69
CA TYR A 133 4.20 -0.13 7.97
C TYR A 133 3.92 -1.62 7.91
N ARG A 134 2.87 -2.03 7.17
CA ARG A 134 2.64 -3.46 7.03
C ARG A 134 3.83 -4.16 6.36
N TYR A 135 4.39 -3.54 5.33
CA TYR A 135 5.58 -4.15 4.71
C TYR A 135 6.76 -4.21 5.69
N LEU A 136 6.96 -3.16 6.48
CA LEU A 136 7.97 -3.22 7.55
C LEU A 136 7.65 -4.35 8.52
N ALA A 137 6.38 -4.49 8.90
CA ALA A 137 6.03 -5.59 9.84
C ALA A 137 6.33 -6.97 9.27
N GLU A 138 6.24 -7.14 7.94
CA GLU A 138 6.46 -8.46 7.33
C GLU A 138 7.86 -9.00 7.61
N VAL A 139 8.84 -8.11 7.69
CA VAL A 139 10.25 -8.48 7.90
C VAL A 139 10.72 -8.22 9.31
N ALA A 140 9.86 -7.68 10.19
CA ALA A 140 10.28 -7.28 11.51
C ALA A 140 10.31 -8.48 12.43
N THR A 141 11.30 -8.50 13.32
CA THR A 141 11.39 -9.55 14.33
C THR A 141 11.52 -8.95 15.73
N GLY A 142 12.58 -8.15 15.95
CA GLY A 142 13.02 -7.72 17.26
C GLY A 142 12.15 -6.79 18.09
N ASP A 143 12.82 -5.86 18.80
CA ASP A 143 12.19 -5.04 19.82
C ASP A 143 10.98 -4.27 19.32
N ASP A 144 10.85 -4.11 18.01
CA ASP A 144 9.90 -3.16 17.47
C ASP A 144 8.83 -3.81 16.60
N LYS A 145 8.78 -5.14 16.48
CA LYS A 145 7.73 -5.69 15.64
C LYS A 145 6.36 -5.26 16.16
N LYS A 146 6.18 -5.24 17.48
CA LYS A 146 4.87 -4.88 17.98
C LYS A 146 4.57 -3.42 17.72
N ARG A 147 5.57 -2.54 17.86
CA ARG A 147 5.27 -1.13 17.66
C ARG A 147 4.99 -0.86 16.19
N ILE A 148 5.67 -1.60 15.28
CA ILE A 148 5.44 -1.42 13.84
C ILE A 148 4.03 -1.87 13.48
N ILE A 149 3.61 -3.02 14.00
CA ILE A 149 2.26 -3.52 13.80
C ILE A 149 1.23 -2.50 14.29
N ASP A 150 1.46 -1.92 15.47
CA ASP A 150 0.48 -0.96 15.96
C ASP A 150 0.47 0.32 15.13
N SER A 151 1.63 0.70 14.58
CA SER A 151 1.64 1.85 13.68
C SER A 151 0.81 1.58 12.43
N ALA A 152 0.96 0.37 11.86
CA ALA A 152 0.12 0.01 10.72
C ALA A 152 -1.36 0.06 11.10
N ARG A 153 -1.71 -0.60 12.20
N ARG A 153 -1.71 -0.59 12.21
CA ARG A 153 -3.11 -0.64 12.63
CA ARG A 153 -3.11 -0.64 12.65
C ARG A 153 -3.69 0.75 12.81
C ARG A 153 -3.69 0.76 12.80
N SER A 154 -2.93 1.64 13.44
CA SER A 154 -3.44 2.96 13.76
C SER A 154 -3.71 3.77 12.50
N ALA A 155 -2.81 3.67 11.52
CA ALA A 155 -3.03 4.37 10.25
C ALA A 155 -4.25 3.83 9.51
N TYR A 156 -4.35 2.50 9.42
CA TYR A 156 -5.51 1.90 8.78
C TYR A 156 -6.80 2.31 9.48
N GLN A 157 -6.78 2.27 10.81
CA GLN A 157 -8.00 2.58 11.58
C GLN A 157 -8.44 4.00 11.34
N GLU A 158 -7.49 4.96 11.38
CA GLU A 158 -7.89 6.36 11.12
C GLU A 158 -8.48 6.48 9.72
N ALA A 159 -7.88 5.83 8.74
CA ALA A 159 -8.40 5.88 7.38
C ALA A 159 -9.79 5.26 7.32
N MET A 160 -10.00 4.12 8.00
CA MET A 160 -11.32 3.50 8.04
C MET A 160 -12.34 4.46 8.62
N ASP A 161 -12.01 5.06 9.78
CA ASP A 161 -13.00 5.94 10.40
C ASP A 161 -13.43 7.08 9.45
N ILE A 162 -12.48 7.69 8.74
CA ILE A 162 -12.82 8.76 7.80
C ILE A 162 -13.62 8.22 6.63
N SER A 163 -13.20 7.05 6.08
CA SER A 163 -13.88 6.54 4.90
C SER A 163 -15.32 6.17 5.22
N LYS A 164 -15.57 5.65 6.43
CA LYS A 164 -16.96 5.32 6.78
C LYS A 164 -17.82 6.55 6.92
N LYS A 165 -17.25 7.65 7.39
CA LYS A 165 -18.00 8.89 7.56
C LYS A 165 -18.20 9.65 6.25
N GLU A 166 -17.21 9.63 5.36
CA GLU A 166 -17.14 10.57 4.26
C GLU A 166 -17.29 9.96 2.88
N MET A 167 -17.28 8.64 2.75
CA MET A 167 -17.29 8.07 1.40
C MET A 167 -18.40 7.04 1.28
N PRO A 168 -18.96 6.85 0.09
CA PRO A 168 -19.96 5.79 -0.11
C PRO A 168 -19.31 4.43 -0.01
N PRO A 169 -20.08 3.39 0.31
CA PRO A 169 -19.51 2.05 0.50
C PRO A 169 -18.90 1.48 -0.75
N THR A 170 -19.22 2.01 -1.93
CA THR A 170 -18.61 1.51 -3.15
C THR A 170 -17.37 2.30 -3.58
N ASN A 171 -16.99 3.32 -2.85
CA ASN A 171 -15.83 4.12 -3.28
C ASN A 171 -14.58 3.25 -3.42
N PRO A 172 -13.90 3.23 -4.57
CA PRO A 172 -12.79 2.28 -4.74
C PRO A 172 -11.66 2.43 -3.70
N ILE A 173 -11.40 3.64 -3.23
CA ILE A 173 -10.37 3.80 -2.21
C ILE A 173 -10.85 3.21 -0.89
N ARG A 174 -12.12 3.44 -0.55
CA ARG A 174 -12.68 2.82 0.67
C ARG A 174 -12.63 1.29 0.57
N LEU A 175 -12.94 0.74 -0.60
CA LEU A 175 -12.93 -0.72 -0.77
C LEU A 175 -11.51 -1.26 -0.70
N GLY A 176 -10.56 -0.60 -1.36
CA GLY A 176 -9.18 -1.08 -1.31
C GLY A 176 -8.56 -0.93 0.07
N LEU A 177 -8.93 0.11 0.79
CA LEU A 177 -8.48 0.24 2.18
C LEU A 177 -8.98 -0.93 3.01
N ALA A 178 -10.27 -1.23 2.88
CA ALA A 178 -10.82 -2.36 3.66
C ALA A 178 -10.17 -3.67 3.23
N LEU A 179 -9.97 -3.89 1.93
CA LEU A 179 -9.26 -5.08 1.48
C LEU A 179 -7.91 -5.23 2.18
N ASN A 180 -7.08 -4.17 2.13
CA ASN A 180 -5.73 -4.27 2.68
C ASN A 180 -5.74 -4.33 4.19
N PHE A 181 -6.68 -3.63 4.86
CA PHE A 181 -6.78 -3.78 6.31
C PHE A 181 -7.15 -5.21 6.66
N SER A 182 -8.04 -5.81 5.87
N SER A 182 -8.02 -5.83 5.85
CA SER A 182 -8.38 -7.22 6.06
CA SER A 182 -8.35 -7.24 6.14
C SER A 182 -7.15 -8.12 5.93
C SER A 182 -7.14 -8.14 5.95
N VAL A 183 -6.30 -7.85 4.95
CA VAL A 183 -5.07 -8.64 4.79
C VAL A 183 -4.15 -8.40 5.97
N PHE A 184 -4.06 -7.15 6.45
CA PHE A 184 -3.31 -6.87 7.67
C PHE A 184 -3.80 -7.77 8.80
N HIS A 185 -5.14 -7.82 9.00
CA HIS A 185 -5.64 -8.64 10.11
C HIS A 185 -5.25 -10.08 9.95
N TYR A 186 -5.39 -10.61 8.72
CA TYR A 186 -5.18 -12.03 8.48
C TYR A 186 -3.71 -12.40 8.59
N GLU A 187 -2.86 -11.59 7.95
CA GLU A 187 -1.47 -11.99 7.75
C GLU A 187 -0.53 -11.46 8.81
N ILE A 188 -0.84 -10.34 9.43
CA ILE A 188 0.09 -9.67 10.33
C ILE A 188 -0.37 -9.77 11.77
N ALA A 189 -1.65 -9.46 12.01
CA ALA A 189 -2.20 -9.36 13.36
C ALA A 189 -2.72 -10.67 13.90
N ASN A 190 -2.62 -11.75 13.14
CA ASN A 190 -3.10 -13.06 13.61
C ASN A 190 -4.55 -12.98 14.06
N SER A 191 -5.37 -12.26 13.30
CA SER A 191 -6.79 -12.10 13.60
C SER A 191 -7.64 -12.51 12.39
N PRO A 192 -7.61 -13.79 11.99
CA PRO A 192 -8.35 -14.17 10.79
C PRO A 192 -9.84 -13.92 10.89
N GLU A 193 -10.43 -14.05 12.08
CA GLU A 193 -11.87 -13.79 12.18
C GLU A 193 -12.18 -12.34 11.89
N GLU A 194 -11.35 -11.41 12.40
CA GLU A 194 -11.54 -10.00 12.09
C GLU A 194 -11.37 -9.74 10.59
N ALA A 195 -10.39 -10.40 9.99
CA ALA A 195 -10.17 -10.26 8.53
C ALA A 195 -11.41 -10.70 7.74
N ILE A 196 -11.95 -11.87 8.09
CA ILE A 196 -13.13 -12.40 7.39
C ILE A 196 -14.36 -11.50 7.61
N SER A 197 -14.59 -11.08 8.85
N SER A 197 -14.59 -11.08 8.86
CA SER A 197 -15.72 -10.20 9.15
CA SER A 197 -15.72 -10.20 9.15
C SER A 197 -15.62 -8.90 8.37
C SER A 197 -15.63 -8.89 8.39
N LEU A 198 -14.44 -8.29 8.36
CA LEU A 198 -14.31 -7.02 7.65
C LEU A 198 -14.57 -7.22 6.16
N ALA A 199 -13.98 -8.25 5.56
CA ALA A 199 -14.16 -8.43 4.12
C ALA A 199 -15.61 -8.70 3.76
N LYS A 200 -16.31 -9.51 4.59
CA LYS A 200 -17.73 -9.82 4.34
C LYS A 200 -18.61 -8.58 4.46
N THR A 201 -18.46 -7.84 5.56
N THR A 201 -18.49 -7.82 5.56
CA THR A 201 -19.26 -6.63 5.76
CA THR A 201 -19.34 -6.63 5.68
C THR A 201 -18.97 -5.58 4.67
C THR A 201 -18.99 -5.58 4.63
N THR A 202 -17.70 -5.46 4.27
CA THR A 202 -17.35 -4.51 3.21
C THR A 202 -18.00 -4.92 1.90
N PHE A 203 -17.96 -6.22 1.60
CA PHE A 203 -18.54 -6.70 0.36
C PHE A 203 -20.04 -6.48 0.32
N ASP A 204 -20.73 -6.88 1.39
CA ASP A 204 -22.18 -6.78 1.46
C ASP A 204 -22.64 -5.32 1.40
N GLU A 205 -21.97 -4.40 2.10
CA GLU A 205 -22.41 -3.00 2.03
C GLU A 205 -22.13 -2.38 0.66
N ALA A 206 -21.08 -2.82 -0.02
CA ALA A 206 -20.87 -2.37 -1.39
C ALA A 206 -21.95 -2.92 -2.31
N MET A 207 -22.24 -4.22 -2.24
CA MET A 207 -23.28 -4.80 -3.07
C MET A 207 -24.57 -4.00 -3.03
N ALA A 208 -24.96 -3.59 -1.84
CA ALA A 208 -26.23 -2.87 -1.62
C ALA A 208 -26.21 -1.45 -2.14
N ASP A 209 -25.03 -0.91 -2.47
CA ASP A 209 -24.90 0.46 -2.99
C ASP A 209 -24.64 0.47 -4.49
N LEU A 210 -24.51 -0.71 -5.15
CA LEU A 210 -24.15 -0.71 -6.55
C LEU A 210 -25.21 -0.08 -7.42
N HIS A 211 -26.46 -0.14 -6.97
CA HIS A 211 -27.54 0.39 -7.81
C HIS A 211 -27.40 1.89 -8.07
N THR A 212 -26.60 2.61 -7.26
CA THR A 212 -26.46 4.05 -7.43
C THR A 212 -25.44 4.45 -8.49
N LEU A 213 -24.70 3.51 -9.07
CA LEU A 213 -23.51 3.82 -9.84
C LEU A 213 -23.77 3.80 -11.34
N SER A 214 -22.98 4.60 -12.06
CA SER A 214 -22.88 4.51 -13.51
C SER A 214 -22.22 3.20 -13.92
N GLU A 215 -22.31 2.90 -15.23
CA GLU A 215 -21.67 1.73 -15.79
C GLU A 215 -20.16 1.70 -15.50
N ASP A 216 -19.49 2.82 -15.64
CA ASP A 216 -18.04 2.84 -15.42
C ASP A 216 -17.69 2.72 -13.92
N SER A 217 -18.44 3.40 -13.07
CA SER A 217 -18.20 3.26 -11.62
C SER A 217 -18.50 1.85 -11.15
N TYR A 218 -19.58 1.27 -11.64
CA TYR A 218 -19.90 -0.13 -11.35
C TYR A 218 -18.72 -1.06 -11.66
N LYS A 219 -18.09 -0.87 -12.83
CA LYS A 219 -16.92 -1.69 -13.16
C LYS A 219 -15.78 -1.49 -12.17
N ASP A 220 -15.49 -0.24 -11.82
CA ASP A 220 -14.41 0.03 -10.86
C ASP A 220 -14.69 -0.66 -9.52
N SER A 221 -15.91 -0.50 -9.00
CA SER A 221 -16.26 -1.07 -7.68
C SER A 221 -16.32 -2.61 -7.71
N THR A 222 -16.96 -3.19 -8.74
CA THR A 222 -17.09 -4.65 -8.69
C THR A 222 -15.74 -5.30 -8.85
N LEU A 223 -14.78 -4.64 -9.51
CA LEU A 223 -13.47 -5.26 -9.62
C LEU A 223 -12.85 -5.48 -8.24
N ILE A 224 -12.91 -4.46 -7.38
CA ILE A 224 -12.31 -4.62 -6.06
C ILE A 224 -13.18 -5.51 -5.20
N MET A 225 -14.50 -5.47 -5.37
CA MET A 225 -15.30 -6.45 -4.63
C MET A 225 -14.90 -7.88 -4.96
N GLN A 226 -14.52 -8.14 -6.21
CA GLN A 226 -14.09 -9.50 -6.52
C GLN A 226 -12.81 -9.90 -5.76
N LEU A 227 -11.92 -8.94 -5.54
CA LEU A 227 -10.74 -9.23 -4.74
C LEU A 227 -11.10 -9.60 -3.30
N LEU A 228 -12.06 -8.87 -2.70
CA LEU A 228 -12.55 -9.25 -1.39
C LEU A 228 -13.12 -10.67 -1.42
N ARG A 229 -13.92 -10.97 -2.45
CA ARG A 229 -14.50 -12.32 -2.52
C ARG A 229 -13.42 -13.38 -2.70
N ASP A 230 -12.40 -13.08 -3.49
CA ASP A 230 -11.32 -14.06 -3.68
C ASP A 230 -10.66 -14.39 -2.34
N ASN A 231 -10.44 -13.37 -1.50
CA ASN A 231 -9.85 -13.61 -0.18
C ASN A 231 -10.78 -14.44 0.69
N LEU A 232 -12.06 -14.09 0.71
CA LEU A 232 -13.01 -14.85 1.52
C LEU A 232 -13.03 -16.31 1.10
N THR A 233 -12.96 -16.56 -0.21
CA THR A 233 -12.91 -17.94 -0.71
C THR A 233 -11.66 -18.66 -0.24
N LEU A 234 -10.56 -17.95 -0.20
CA LEU A 234 -9.34 -18.55 0.30
C LEU A 234 -9.38 -18.76 1.80
N TRP A 235 -10.09 -17.92 2.55
CA TRP A 235 -10.06 -17.96 4.01
C TRP A 235 -11.16 -18.80 4.63
N THR A 236 -12.16 -19.21 3.86
CA THR A 236 -13.27 -19.91 4.44
C THR A 236 -13.51 -21.21 3.70
N ALA B 5 -3.54 -14.81 0.06
CA ALA B 5 -4.33 -13.61 0.41
C ALA B 5 -3.82 -12.39 -0.35
N GLY B 6 -4.67 -11.84 -1.23
CA GLY B 6 -4.26 -10.75 -2.07
C GLY B 6 -4.61 -9.37 -1.54
N ILE B 8 -4.45 -5.11 -2.60
CA ILE B 8 -4.68 -4.37 -3.85
C ILE B 8 -3.45 -4.54 -4.72
N PRO B 9 -3.59 -5.01 -5.95
CA PRO B 9 -2.40 -5.16 -6.82
C PRO B 9 -1.68 -3.84 -7.00
N GLY B 10 -2.41 -2.81 -7.43
CA GLY B 10 -1.90 -1.47 -7.33
C GLY B 10 -0.66 -1.20 -8.15
N ARG B 11 -0.36 -2.05 -9.12
CA ARG B 11 0.89 -1.97 -9.86
C ARG B 11 0.73 -1.30 -11.23
N ARG B 12 -0.50 -0.98 -11.67
CA ARG B 12 -0.74 -0.35 -12.97
C ARG B 12 -1.64 0.86 -12.79
N SER B 13 -1.10 2.05 -13.12
CA SER B 13 -1.87 3.31 -13.32
C SER B 13 -1.01 4.47 -13.76
#